data_6ALO
#
_entry.id   6ALO
#
_cell.length_a   80.760
_cell.length_b   66.653
_cell.length_c   62.889
_cell.angle_alpha   90.000
_cell.angle_beta   109.210
_cell.angle_gamma   90.000
#
_symmetry.space_group_name_H-M   'C 1 2 1'
#
loop_
_entity.id
_entity.type
_entity.pdbx_description
1 polymer 'Alpha-ketoglutarate-dependent L-arginine hydroxylase'
2 non-polymer 'FE (II) ION'
3 non-polymer ARGININE
4 non-polymer '4-peroxy-4-oxobutanoic acid'
5 water water
#
_entity_poly.entity_id   1
_entity_poly.type   'polypeptide(L)'
_entity_poly.pdbx_seq_one_letter_code
;MGSSHHHHHHSSGLVPRGSHMASMTGGQQMGRGSEFMTESPTTHHGAAPPDSVATPVRPWSEFRLTPAEAAAAAALAARC
AQRYDETDGPEFLLDAPVIAHELPRRLRTFMARARLDAWPHALVVRGNPVDDAALGSTPVHWRTARTPGSRPLSFLLMLY
AGLLGDVFGWATQQDGRVVTDVLPIKGGEHTLVSSSSRQELGWHTEDAFSPYRADYVGLLSLRNPDGVATTLAGVPLDDL
DERTLDVLFQERFLIRPDDSHLQVNNSTAQQGRVEFEGIAQAADRPEPVAILTGHRAAPHLRVDGDFSAPAEGDEEAAAA
LGTLRKLIDASLYELVLDQGDVAFIDNRRAVHGRRAFQPRYDGRDRWLKRINITRDLHRSRKAWAGDSRVLGQR
;
_entity_poly.pdbx_strand_id   A
#
# COMPACT_ATOMS: atom_id res chain seq x y z
N ARG A 58 10.67 18.81 -0.35
CA ARG A 58 9.42 18.00 -0.39
C ARG A 58 9.32 17.06 0.82
N PRO A 59 8.09 16.66 1.21
CA PRO A 59 7.88 15.84 2.42
C PRO A 59 8.16 14.34 2.26
N TRP A 60 8.65 13.92 1.08
CA TRP A 60 9.13 12.55 0.89
C TRP A 60 10.60 12.58 0.51
N SER A 61 11.26 11.43 0.63
CA SER A 61 12.65 11.28 0.25
C SER A 61 12.72 10.70 -1.17
N GLU A 62 13.51 11.33 -2.04
CA GLU A 62 13.51 11.00 -3.46
C GLU A 62 14.89 10.60 -3.97
N PHE A 63 14.91 9.61 -4.85
CA PHE A 63 16.12 9.07 -5.44
C PHE A 63 15.84 8.89 -6.93
N ARG A 64 16.76 9.37 -7.77
CA ARG A 64 16.63 9.14 -9.22
C ARG A 64 17.74 8.23 -9.70
N LEU A 65 17.35 7.09 -10.21
CA LEU A 65 18.27 6.16 -10.83
C LEU A 65 18.93 6.79 -12.05
N THR A 66 20.23 6.60 -12.20
CA THR A 66 20.89 6.93 -13.46
C THR A 66 20.43 5.88 -14.47
N PRO A 67 20.48 6.22 -15.78
CA PRO A 67 20.12 5.21 -16.78
C PRO A 67 20.88 3.89 -16.60
N ALA A 68 22.15 3.94 -16.24
CA ALA A 68 22.94 2.73 -16.01
C ALA A 68 22.46 1.92 -14.80
N GLU A 69 22.19 2.62 -13.70
CA GLU A 69 21.66 1.99 -12.49
C GLU A 69 20.30 1.34 -12.75
N ALA A 70 19.44 2.07 -13.45
CA ALA A 70 18.12 1.56 -13.79
C ALA A 70 18.21 0.32 -14.67
N ALA A 71 19.08 0.37 -15.67
CA ALA A 71 19.32 -0.80 -16.53
C ALA A 71 19.82 -2.02 -15.74
N ALA A 72 20.74 -1.77 -14.82
CA ALA A 72 21.28 -2.85 -13.97
C ALA A 72 20.18 -3.47 -13.10
N ALA A 73 19.34 -2.62 -12.50
CA ALA A 73 18.22 -3.11 -11.70
C ALA A 73 17.24 -3.93 -12.55
N ALA A 74 16.91 -3.40 -13.73
CA ALA A 74 16.02 -4.09 -14.65
C ALA A 74 16.59 -5.44 -15.07
N ALA A 75 17.89 -5.47 -15.34
CA ALA A 75 18.56 -6.71 -15.72
C ALA A 75 18.47 -7.76 -14.62
N LEU A 76 18.64 -7.32 -13.38
CA LEU A 76 18.57 -8.23 -12.22
C LEU A 76 17.17 -8.83 -12.10
N ALA A 77 16.15 -7.99 -12.25
CA ALA A 77 14.76 -8.42 -12.18
C ALA A 77 14.43 -9.42 -13.30
N ALA A 78 14.94 -9.13 -14.49
CA ALA A 78 14.75 -10.02 -15.64
C ALA A 78 15.39 -11.38 -15.41
N ARG A 79 16.59 -11.39 -14.82
CA ARG A 79 17.24 -12.66 -14.47
C ARG A 79 16.39 -13.44 -13.47
N CYS A 80 15.84 -12.74 -12.48
CA CYS A 80 14.94 -13.37 -11.50
C CYS A 80 13.72 -13.97 -12.18
N ALA A 81 13.14 -13.21 -13.11
CA ALA A 81 11.97 -13.67 -13.86
C ALA A 81 12.27 -14.91 -14.70
N GLN A 82 13.51 -15.03 -15.17
CA GLN A 82 13.96 -16.25 -15.87
C GLN A 82 14.10 -17.44 -14.94
N ARG A 83 14.66 -17.20 -13.76
CA ARG A 83 15.05 -18.29 -12.85
C ARG A 83 13.95 -18.76 -11.90
N TYR A 84 12.94 -17.94 -11.64
CA TYR A 84 11.86 -18.32 -10.73
C TYR A 84 10.53 -18.39 -11.48
N ASP A 85 9.65 -19.28 -11.04
CA ASP A 85 8.33 -19.44 -11.67
C ASP A 85 7.40 -18.25 -11.39
N GLU A 86 7.39 -17.78 -10.16
CA GLU A 86 6.48 -16.68 -9.77
C GLU A 86 7.05 -15.84 -8.62
N THR A 87 6.61 -14.59 -8.53
CA THR A 87 7.06 -13.69 -7.47
C THR A 87 6.61 -14.15 -6.09
N ASP A 88 5.41 -14.71 -6.01
CA ASP A 88 4.82 -15.10 -4.74
C ASP A 88 5.12 -16.52 -4.33
N GLY A 89 5.92 -17.23 -5.13
CA GLY A 89 6.31 -18.59 -4.79
C GLY A 89 7.18 -18.58 -3.54
N PRO A 90 7.20 -19.69 -2.78
CA PRO A 90 8.01 -19.74 -1.57
C PRO A 90 9.48 -19.42 -1.84
N GLU A 91 10.00 -19.88 -2.97
CA GLU A 91 11.41 -19.74 -3.29
C GLU A 91 11.82 -18.28 -3.45
N PHE A 92 11.12 -17.53 -4.30
CA PHE A 92 11.53 -16.17 -4.54
C PHE A 92 11.27 -15.28 -3.33
N LEU A 93 10.20 -15.57 -2.57
CA LEU A 93 9.93 -14.84 -1.34
C LEU A 93 11.13 -14.92 -0.40
N LEU A 94 11.70 -16.11 -0.26
CA LEU A 94 12.87 -16.31 0.59
C LEU A 94 14.15 -15.69 0.03
N ASP A 95 14.34 -15.79 -1.28
CA ASP A 95 15.60 -15.39 -1.92
C ASP A 95 15.70 -13.90 -2.23
N ALA A 96 14.56 -13.26 -2.48
CA ALA A 96 14.56 -11.86 -2.96
C ALA A 96 15.37 -10.89 -2.08
N PRO A 97 15.22 -10.97 -0.75
CA PRO A 97 15.99 -10.07 0.14
C PRO A 97 17.51 -10.19 -0.02
N VAL A 98 17.99 -11.38 -0.35
CA VAL A 98 19.43 -11.59 -0.57
C VAL A 98 19.82 -11.21 -2.00
N ILE A 99 19.00 -11.56 -2.98
CA ILE A 99 19.26 -11.15 -4.37
C ILE A 99 19.30 -9.62 -4.47
N ALA A 100 18.46 -8.95 -3.69
CA ALA A 100 18.43 -7.47 -3.65
C ALA A 100 19.76 -6.83 -3.27
N HIS A 101 20.62 -7.58 -2.59
CA HIS A 101 21.96 -7.12 -2.26
C HIS A 101 22.81 -6.85 -3.50
N GLU A 102 22.39 -7.39 -4.65
CA GLU A 102 23.06 -7.16 -5.93
C GLU A 102 22.54 -5.95 -6.70
N LEU A 103 21.56 -5.23 -6.14
CA LEU A 103 21.10 -3.99 -6.77
C LEU A 103 22.21 -2.93 -6.72
N PRO A 104 22.10 -1.87 -7.55
CA PRO A 104 23.10 -0.80 -7.53
C PRO A 104 23.35 -0.25 -6.13
N ARG A 105 24.62 -0.11 -5.76
CA ARG A 105 25.00 0.23 -4.40
C ARG A 105 24.42 1.57 -3.94
N ARG A 106 24.38 2.57 -4.82
CA ARG A 106 23.86 3.88 -4.45
C ARG A 106 22.38 3.80 -4.05
N LEU A 107 21.64 2.94 -4.74
CA LEU A 107 20.23 2.71 -4.41
C LEU A 107 20.08 2.01 -3.05
N ARG A 108 20.95 1.03 -2.79
CA ARG A 108 20.92 0.31 -1.51
C ARG A 108 21.25 1.25 -0.35
N THR A 109 22.22 2.12 -0.57
CA THR A 109 22.56 3.14 0.42
C THR A 109 21.36 4.05 0.68
N PHE A 110 20.70 4.50 -0.38
CA PHE A 110 19.53 5.34 -0.23
C PHE A 110 18.45 4.64 0.60
N MET A 111 18.16 3.38 0.28
CA MET A 111 17.10 2.64 0.94
C MET A 111 17.42 2.36 2.41
N ALA A 112 18.68 2.09 2.71
CA ALA A 112 19.13 1.82 4.07
C ALA A 112 19.06 3.09 4.94
N ARG A 113 19.46 4.21 4.36
CA ARG A 113 19.52 5.46 5.10
C ARG A 113 18.16 6.15 5.20
N ALA A 114 17.46 6.24 4.07
CA ALA A 114 16.20 6.96 4.03
C ALA A 114 15.15 6.30 4.92
N ARG A 115 15.18 4.97 5.02
CA ARG A 115 14.28 4.26 5.92
C ARG A 115 14.47 4.70 7.37
N LEU A 116 15.69 5.13 7.73
CA LEU A 116 16.00 5.48 9.11
C LEU A 116 15.83 6.97 9.43
N ASP A 117 15.66 7.81 8.41
CA ASP A 117 15.37 9.23 8.64
C ASP A 117 14.05 9.39 9.38
N ALA A 118 13.93 10.49 10.13
CA ALA A 118 12.78 10.69 11.01
C ALA A 118 11.58 11.28 10.27
N TRP A 119 11.83 11.96 9.16
CA TRP A 119 10.81 12.86 8.56
C TRP A 119 9.98 12.36 7.36
N PRO A 120 10.55 11.54 6.46
CA PRO A 120 9.82 11.33 5.19
C PRO A 120 8.51 10.54 5.28
N HIS A 121 7.52 10.96 4.49
CA HIS A 121 6.25 10.26 4.38
C HIS A 121 6.35 9.07 3.43
N ALA A 122 7.32 9.13 2.52
CA ALA A 122 7.54 8.06 1.56
C ALA A 122 8.97 8.06 1.04
N LEU A 123 9.40 6.92 0.51
CA LEU A 123 10.65 6.80 -0.22
C LEU A 123 10.28 6.63 -1.67
N VAL A 124 10.74 7.54 -2.52
CA VAL A 124 10.36 7.53 -3.93
C VAL A 124 11.60 7.32 -4.80
N VAL A 125 11.54 6.30 -5.66
CA VAL A 125 12.60 5.98 -6.60
C VAL A 125 12.08 6.22 -8.01
N ARG A 126 12.70 7.18 -8.71
CA ARG A 126 12.31 7.53 -10.08
C ARG A 126 13.26 6.91 -11.10
N GLY A 127 12.74 6.63 -12.28
CA GLY A 127 13.58 6.34 -13.46
C GLY A 127 13.78 4.89 -13.84
N ASN A 128 12.85 4.01 -13.47
CA ASN A 128 12.88 2.64 -13.98
C ASN A 128 12.26 2.63 -15.39
N PRO A 129 13.02 2.16 -16.40
CA PRO A 129 12.44 2.18 -17.75
C PRO A 129 11.27 1.21 -17.89
N VAL A 130 10.24 1.61 -18.63
CA VAL A 130 9.11 0.75 -18.96
C VAL A 130 8.76 0.99 -20.43
N ASP A 131 8.70 -0.09 -21.21
CA ASP A 131 8.37 -0.02 -22.63
C ASP A 131 6.92 -0.46 -22.78
N ASP A 132 6.03 0.49 -23.12
CA ASP A 132 4.60 0.20 -23.27
C ASP A 132 4.30 -0.93 -24.28
N ALA A 133 5.09 -0.99 -25.35
CA ALA A 133 4.94 -2.06 -26.35
C ALA A 133 5.21 -3.43 -25.74
N ALA A 134 6.30 -3.52 -24.98
CA ALA A 134 6.63 -4.78 -24.28
C ALA A 134 5.64 -5.08 -23.16
N LEU A 135 5.22 -4.03 -22.45
CA LEU A 135 4.32 -4.20 -21.32
C LEU A 135 2.98 -4.79 -21.74
N GLY A 136 2.48 -4.34 -22.89
CA GLY A 136 1.17 -4.75 -23.37
C GLY A 136 0.05 -3.93 -22.75
N SER A 137 -1.18 -4.27 -23.11
CA SER A 137 -2.34 -3.51 -22.67
C SER A 137 -2.60 -3.67 -21.18
N THR A 138 -3.18 -2.63 -20.58
CA THR A 138 -3.58 -2.70 -19.18
C THR A 138 -4.71 -3.72 -19.06
N PRO A 139 -4.56 -4.70 -18.14
CA PRO A 139 -5.60 -5.71 -17.92
C PRO A 139 -6.94 -5.11 -17.52
N VAL A 140 -8.02 -5.82 -17.84
CA VAL A 140 -9.37 -5.35 -17.50
C VAL A 140 -9.75 -5.65 -16.05
N HIS A 141 -8.99 -6.53 -15.39
CA HIS A 141 -9.24 -6.93 -14.02
C HIS A 141 -7.91 -7.38 -13.40
N TRP A 142 -7.76 -7.24 -12.09
CA TRP A 142 -6.52 -7.69 -11.43
C TRP A 142 -6.31 -9.21 -11.59
N ARG A 143 -7.41 -9.95 -11.65
CA ARG A 143 -7.38 -11.40 -11.83
C ARG A 143 -6.47 -11.83 -12.96
N THR A 144 -6.57 -11.14 -14.09
CA THR A 144 -5.80 -11.48 -15.29
C THR A 144 -4.61 -10.55 -15.49
N ALA A 145 -4.11 -9.94 -14.42
CA ALA A 145 -3.11 -8.88 -14.53
C ALA A 145 -1.66 -9.34 -14.41
N ARG A 146 -1.44 -10.65 -14.24
CA ARG A 146 -0.09 -11.18 -14.22
C ARG A 146 0.34 -11.53 -15.63
N THR A 147 0.50 -10.48 -16.42
CA THR A 147 0.81 -10.60 -17.83
C THR A 147 2.32 -10.76 -17.97
N PRO A 148 2.76 -11.47 -19.03
CA PRO A 148 4.20 -11.62 -19.25
C PRO A 148 4.93 -10.28 -19.36
N GLY A 149 4.28 -9.28 -19.96
CA GLY A 149 4.88 -7.96 -20.07
C GLY A 149 5.11 -7.26 -18.73
N SER A 150 4.31 -7.58 -17.72
CA SER A 150 4.42 -6.94 -16.40
C SER A 150 5.27 -7.76 -15.43
N ARG A 151 5.67 -8.96 -15.85
CA ARG A 151 6.33 -9.91 -14.98
C ARG A 151 7.68 -9.39 -14.45
N PRO A 152 8.58 -8.93 -15.33
CA PRO A 152 9.86 -8.40 -14.80
C PRO A 152 9.70 -7.25 -13.79
N LEU A 153 8.74 -6.37 -14.04
CA LEU A 153 8.51 -5.23 -13.13
C LEU A 153 7.93 -5.68 -11.78
N SER A 154 7.15 -6.76 -11.78
CA SER A 154 6.69 -7.35 -10.52
C SER A 154 7.88 -7.86 -9.70
N PHE A 155 8.80 -8.54 -10.37
CA PHE A 155 10.04 -9.00 -9.73
C PHE A 155 10.87 -7.82 -9.23
N LEU A 156 10.96 -6.76 -10.03
CA LEU A 156 11.70 -5.57 -9.62
C LEU A 156 11.12 -4.97 -8.33
N LEU A 157 9.81 -4.85 -8.27
CA LEU A 157 9.15 -4.28 -7.09
C LEU A 157 9.49 -5.09 -5.85
N MET A 158 9.45 -6.41 -5.97
CA MET A 158 9.73 -7.28 -4.83
C MET A 158 11.20 -7.18 -4.40
N LEU A 159 12.11 -6.99 -5.36
CA LEU A 159 13.52 -6.80 -5.03
C LEU A 159 13.71 -5.52 -4.22
N TYR A 160 13.15 -4.41 -4.70
CA TYR A 160 13.18 -3.16 -3.94
C TYR A 160 12.55 -3.32 -2.56
N ALA A 161 11.38 -3.96 -2.51
CA ALA A 161 10.68 -4.22 -1.25
C ALA A 161 11.55 -5.00 -0.24
N GLY A 162 12.33 -5.96 -0.73
CA GLY A 162 13.21 -6.77 0.11
C GLY A 162 14.27 -6.00 0.87
N LEU A 163 14.65 -4.83 0.36
CA LEU A 163 15.56 -3.93 1.06
C LEU A 163 14.95 -3.24 2.26
N LEU A 164 13.61 -3.15 2.29
CA LEU A 164 12.91 -2.43 3.35
C LEU A 164 12.23 -3.34 4.38
N GLY A 165 12.01 -4.60 4.06
CA GLY A 165 11.40 -5.51 5.03
C GLY A 165 10.87 -6.81 4.47
N ASP A 166 9.94 -7.41 5.20
CA ASP A 166 9.31 -8.68 4.85
C ASP A 166 7.99 -8.44 4.15
N VAL A 167 7.88 -8.89 2.91
CA VAL A 167 6.63 -8.72 2.15
C VAL A 167 5.59 -9.75 2.57
N PHE A 168 4.32 -9.39 2.39
CA PHE A 168 3.23 -10.28 2.72
C PHE A 168 1.96 -9.81 2.02
N GLY A 169 0.95 -10.68 2.00
CA GLY A 169 -0.36 -10.35 1.46
C GLY A 169 -1.44 -10.77 2.42
N TRP A 170 -2.68 -10.67 1.97
CA TRP A 170 -3.84 -10.99 2.79
C TRP A 170 -4.65 -12.08 2.10
N ALA A 171 -5.08 -13.07 2.87
CA ALA A 171 -5.91 -14.16 2.35
C ALA A 171 -7.22 -13.65 1.77
N THR A 172 -7.66 -12.48 2.24
CA THR A 172 -8.95 -11.92 1.90
C THR A 172 -8.89 -10.81 0.85
N GLN A 173 -7.72 -10.59 0.25
CA GLN A 173 -7.55 -9.49 -0.71
C GLN A 173 -6.84 -10.00 -1.97
N GLN A 174 -7.41 -9.69 -3.12
CA GLN A 174 -6.91 -10.14 -4.43
C GLN A 174 -6.37 -11.58 -4.39
N ASP A 175 -7.21 -12.47 -3.88
CA ASP A 175 -6.92 -13.92 -3.87
C ASP A 175 -5.62 -14.31 -3.17
N GLY A 176 -5.22 -13.55 -2.14
CA GLY A 176 -4.04 -13.89 -1.35
C GLY A 176 -2.70 -13.61 -2.01
N ARG A 177 -2.72 -12.84 -3.09
CA ARG A 177 -1.49 -12.47 -3.78
C ARG A 177 -0.64 -11.50 -2.96
N VAL A 178 0.67 -11.63 -3.09
CA VAL A 178 1.60 -10.72 -2.42
C VAL A 178 1.81 -9.49 -3.30
N VAL A 179 2.14 -9.70 -4.57
CA VAL A 179 2.15 -8.60 -5.53
C VAL A 179 0.74 -8.44 -6.05
N THR A 180 0.15 -7.28 -5.79
CA THR A 180 -1.22 -6.99 -6.20
C THR A 180 -1.24 -5.92 -7.27
N ASP A 181 -2.44 -5.63 -7.79
CA ASP A 181 -2.59 -4.69 -8.91
C ASP A 181 -3.58 -3.58 -8.59
N VAL A 182 -3.22 -2.38 -9.03
CA VAL A 182 -4.09 -1.22 -8.93
C VAL A 182 -4.40 -0.77 -10.36
N LEU A 183 -5.63 -1.00 -10.78
CA LEU A 183 -6.07 -0.58 -12.12
C LEU A 183 -7.58 -0.38 -12.12
N PRO A 184 -8.09 0.50 -13.01
CA PRO A 184 -9.54 0.75 -13.00
C PRO A 184 -10.35 -0.40 -13.58
N ILE A 185 -11.39 -0.82 -12.86
CA ILE A 185 -12.25 -1.90 -13.33
C ILE A 185 -13.60 -1.32 -13.77
N LYS A 186 -13.95 -1.61 -15.03
CA LYS A 186 -15.17 -1.09 -15.63
C LYS A 186 -16.38 -1.53 -14.81
N GLY A 187 -17.26 -0.58 -14.51
CA GLY A 187 -18.38 -0.83 -13.62
C GLY A 187 -18.11 -0.53 -12.15
N GLY A 188 -16.83 -0.43 -11.78
CA GLY A 188 -16.43 -0.18 -10.39
C GLY A 188 -15.77 1.16 -10.18
N GLU A 189 -16.23 2.17 -10.90
CA GLU A 189 -15.63 3.50 -10.86
C GLU A 189 -15.92 4.22 -9.54
N HIS A 190 -17.09 3.94 -8.98
CA HIS A 190 -17.56 4.64 -7.79
C HIS A 190 -17.55 3.73 -6.57
N THR A 191 -16.46 3.01 -6.38
CA THR A 191 -16.29 2.14 -5.23
C THR A 191 -15.22 2.69 -4.31
N LEU A 192 -15.06 2.05 -3.16
CA LEU A 192 -14.06 2.46 -2.17
C LEU A 192 -12.76 1.67 -2.28
N VAL A 193 -12.59 0.93 -3.37
CA VAL A 193 -11.43 0.07 -3.50
C VAL A 193 -10.46 0.63 -4.54
N SER A 194 -9.27 0.01 -4.62
CA SER A 194 -8.16 0.49 -5.45
C SER A 194 -8.50 0.56 -6.94
N SER A 195 -9.51 -0.20 -7.35
CA SER A 195 -9.93 -0.27 -8.75
C SER A 195 -10.98 0.78 -9.12
N SER A 196 -11.23 1.73 -8.22
CA SER A 196 -12.05 2.87 -8.52
C SER A 196 -11.31 3.85 -9.44
N SER A 197 -12.04 4.88 -9.89
CA SER A 197 -11.47 5.89 -10.75
C SER A 197 -12.22 7.20 -10.60
N ARG A 198 -13.47 7.22 -11.09
CA ARG A 198 -14.25 8.46 -11.14
C ARG A 198 -14.48 9.02 -9.74
N GLN A 199 -14.63 8.14 -8.76
CA GLN A 199 -14.68 8.55 -7.36
C GLN A 199 -13.28 8.53 -6.77
N GLU A 200 -12.89 9.64 -6.16
CA GLU A 200 -11.60 9.75 -5.48
C GLU A 200 -11.46 8.64 -4.44
N LEU A 201 -10.28 8.03 -4.39
CA LEU A 201 -9.97 7.09 -3.33
C LEU A 201 -9.55 7.94 -2.13
N GLY A 202 -10.41 7.97 -1.11
CA GLY A 202 -10.21 8.79 0.07
C GLY A 202 -8.97 8.37 0.85
N TRP A 203 -8.40 9.31 1.60
CA TRP A 203 -7.16 9.05 2.33
C TRP A 203 -7.35 7.99 3.42
N HIS A 204 -6.30 7.20 3.64
CA HIS A 204 -6.35 6.10 4.58
C HIS A 204 -4.97 5.57 4.93
N THR A 205 -4.86 4.99 6.12
CA THR A 205 -3.79 4.07 6.47
C THR A 205 -4.15 2.73 5.85
N GLU A 206 -3.20 2.10 5.16
CA GLU A 206 -3.47 0.81 4.54
C GLU A 206 -3.86 -0.21 5.59
N ASP A 207 -4.97 -0.90 5.37
CA ASP A 207 -5.45 -1.95 6.27
C ASP A 207 -5.52 -1.47 7.71
N ALA A 208 -6.04 -0.27 7.90
CA ALA A 208 -6.07 0.38 9.19
C ALA A 208 -6.69 -0.51 10.28
N PHE A 209 -7.71 -1.27 9.91
CA PHE A 209 -8.39 -2.15 10.88
C PHE A 209 -7.46 -3.16 11.56
N SER A 210 -6.40 -3.57 10.88
CA SER A 210 -5.58 -4.68 11.36
C SER A 210 -4.35 -4.24 12.14
N PRO A 211 -4.08 -4.92 13.28
CA PRO A 211 -2.79 -4.67 13.95
C PRO A 211 -1.59 -5.15 13.13
N TYR A 212 -1.82 -5.92 12.08
CA TYR A 212 -0.76 -6.49 11.26
C TYR A 212 -0.61 -5.76 9.94
N ARG A 213 -1.24 -4.59 9.83
CA ARG A 213 -1.11 -3.76 8.64
C ARG A 213 0.36 -3.41 8.34
N ALA A 214 0.63 -3.13 7.07
CA ALA A 214 1.98 -2.90 6.59
C ALA A 214 2.65 -1.71 7.29
N ASP A 215 3.97 -1.80 7.40
CA ASP A 215 4.79 -0.65 7.78
C ASP A 215 5.04 0.23 6.56
N TYR A 216 5.25 -0.40 5.42
CA TYR A 216 5.43 0.33 4.16
C TYR A 216 4.56 -0.28 3.08
N VAL A 217 4.02 0.58 2.23
CA VAL A 217 3.25 0.14 1.06
C VAL A 217 4.01 0.59 -0.18
N GLY A 218 4.38 -0.37 -1.02
CA GLY A 218 5.12 -0.10 -2.24
C GLY A 218 4.16 0.01 -3.41
N LEU A 219 4.38 1.01 -4.26
CA LEU A 219 3.56 1.24 -5.45
C LEU A 219 4.50 1.51 -6.61
N LEU A 220 4.50 0.60 -7.60
CA LEU A 220 5.29 0.77 -8.81
C LEU A 220 4.36 1.09 -9.97
N SER A 221 4.62 2.22 -10.61
CA SER A 221 3.77 2.70 -11.70
C SER A 221 4.19 2.05 -13.02
N LEU A 222 3.38 1.12 -13.51
CA LEU A 222 3.60 0.52 -14.82
C LEU A 222 3.21 1.48 -15.94
N ARG A 223 2.11 2.21 -15.72
CA ARG A 223 1.74 3.32 -16.59
C ARG A 223 0.77 4.28 -15.91
N ASN A 224 0.84 5.53 -16.35
CA ASN A 224 0.06 6.61 -15.77
C ASN A 224 0.12 7.79 -16.75
N PRO A 225 -0.42 7.59 -17.97
CA PRO A 225 -0.23 8.55 -19.07
C PRO A 225 -0.78 9.95 -18.78
N ASP A 226 -1.81 10.04 -17.95
CA ASP A 226 -2.45 11.32 -17.65
C ASP A 226 -2.02 11.91 -16.30
N GLY A 227 -0.97 11.35 -15.70
CA GLY A 227 -0.36 11.89 -14.49
C GLY A 227 -1.28 11.98 -13.29
N VAL A 228 -2.09 10.95 -13.09
CA VAL A 228 -3.05 10.92 -11.98
C VAL A 228 -2.29 10.86 -10.66
N ALA A 229 -2.65 11.73 -9.72
CA ALA A 229 -1.88 11.87 -8.48
C ALA A 229 -2.33 10.90 -7.40
N THR A 230 -1.33 10.33 -6.74
CA THR A 230 -1.50 9.70 -5.44
C THR A 230 -1.54 10.84 -4.44
N THR A 231 -2.35 10.70 -3.41
CA THR A 231 -2.43 11.72 -2.37
C THR A 231 -1.78 11.24 -1.09
N LEU A 232 -1.24 12.19 -0.32
CA LEU A 232 -0.56 11.90 0.93
C LEU A 232 -0.84 13.01 1.95
N ALA A 233 -0.86 12.63 3.22
CA ALA A 233 -0.85 13.60 4.31
C ALA A 233 -0.21 12.98 5.54
N GLY A 234 0.57 13.78 6.26
CA GLY A 234 1.10 13.37 7.55
C GLY A 234 0.19 13.79 8.69
N VAL A 235 0.63 13.52 9.91
CA VAL A 235 -0.09 13.95 11.10
C VAL A 235 -0.07 15.47 11.13
N PRO A 236 -1.24 16.13 11.26
CA PRO A 236 -1.27 17.59 11.23
C PRO A 236 -0.84 18.22 12.56
N LEU A 237 0.42 17.98 12.93
CA LEU A 237 0.93 18.36 14.25
C LEU A 237 0.96 19.86 14.48
N ASP A 238 1.16 20.64 13.43
CA ASP A 238 1.20 22.11 13.57
C ASP A 238 -0.15 22.71 13.96
N ASP A 239 -1.24 21.95 13.80
CA ASP A 239 -2.59 22.46 14.09
C ASP A 239 -3.40 21.70 15.15
N LEU A 240 -2.97 20.50 15.54
CA LEU A 240 -3.69 19.74 16.58
C LEU A 240 -3.41 20.30 17.97
N ASP A 241 -4.45 20.80 18.64
CA ASP A 241 -4.29 21.26 20.03
C ASP A 241 -4.08 20.06 20.95
N GLU A 242 -3.53 20.31 22.13
CA GLU A 242 -3.07 19.22 22.99
C GLU A 242 -4.20 18.37 23.56
N ARG A 243 -5.38 18.97 23.75
CA ARG A 243 -6.55 18.23 24.22
C ARG A 243 -7.04 17.25 23.15
N THR A 244 -7.14 17.75 21.93
CA THR A 244 -7.52 16.91 20.79
C THR A 244 -6.50 15.79 20.61
N LEU A 245 -5.23 16.16 20.70
CA LEU A 245 -4.14 15.21 20.60
C LEU A 245 -4.27 14.12 21.67
N ASP A 246 -4.50 14.52 22.92
CA ASP A 246 -4.72 13.58 24.04
C ASP A 246 -5.80 12.56 23.71
N VAL A 247 -6.90 13.03 23.15
CA VAL A 247 -8.05 12.18 22.86
C VAL A 247 -7.73 11.20 21.73
N LEU A 248 -7.03 11.68 20.70
CA LEU A 248 -6.62 10.83 19.58
C LEU A 248 -5.65 9.72 20.00
N PHE A 249 -4.90 9.95 21.08
CA PHE A 249 -4.02 8.92 21.66
C PHE A 249 -4.75 7.89 22.52
N GLN A 250 -6.04 8.11 22.77
CA GLN A 250 -6.82 7.22 23.63
C GLN A 250 -7.60 6.21 22.79
N GLU A 251 -7.90 5.05 23.38
CA GLU A 251 -8.53 3.95 22.68
C GLU A 251 -10.03 4.19 22.61
N ARG A 252 -10.42 5.10 21.72
CA ARG A 252 -11.77 5.63 21.69
C ARG A 252 -12.35 5.69 20.26
N PHE A 253 -11.79 4.90 19.36
CA PHE A 253 -12.17 4.92 17.95
C PHE A 253 -12.35 3.51 17.40
N LEU A 254 -13.21 3.40 16.39
CA LEU A 254 -13.47 2.14 15.71
C LEU A 254 -12.96 2.22 14.28
N ILE A 255 -12.20 1.22 13.84
CA ILE A 255 -11.74 1.12 12.46
C ILE A 255 -12.15 -0.23 11.92
N ARG A 256 -12.98 -0.22 10.87
CA ARG A 256 -13.49 -1.45 10.27
C ARG A 256 -12.73 -1.80 8.99
N PRO A 257 -12.72 -3.09 8.62
CA PRO A 257 -12.03 -3.49 7.38
C PRO A 257 -12.65 -2.87 6.13
N ASP A 258 -11.81 -2.48 5.17
CA ASP A 258 -12.30 -1.85 3.94
C ASP A 258 -12.86 -2.91 2.98
N ASP A 259 -13.56 -2.45 1.94
CA ASP A 259 -14.31 -3.33 1.05
C ASP A 259 -13.46 -4.31 0.23
N SER A 260 -12.16 -4.02 0.06
CA SER A 260 -11.27 -4.93 -0.66
C SER A 260 -11.14 -6.31 0.02
N HIS A 261 -11.44 -6.36 1.32
CA HIS A 261 -11.39 -7.61 2.08
C HIS A 261 -12.70 -8.40 2.07
N LEU A 262 -13.68 -7.96 1.29
CA LEU A 262 -14.97 -8.63 1.18
C LEU A 262 -14.93 -9.74 0.13
N GLN A 263 -15.75 -10.76 0.33
CA GLN A 263 -15.80 -11.90 -0.58
C GLN A 263 -16.17 -11.48 -2.02
N VAL A 264 -17.06 -10.51 -2.14
CA VAL A 264 -17.49 -10.02 -3.45
C VAL A 264 -16.33 -9.45 -4.29
N ASN A 265 -15.31 -8.93 -3.62
CA ASN A 265 -14.13 -8.42 -4.31
C ASN A 265 -12.98 -9.41 -4.39
N ASN A 266 -13.28 -10.69 -4.20
CA ASN A 266 -12.35 -11.77 -4.50
C ASN A 266 -12.99 -12.78 -5.44
N SER A 267 -12.17 -13.63 -6.05
CA SER A 267 -12.66 -14.63 -7.00
C SER A 267 -13.56 -15.64 -6.31
N THR A 268 -14.60 -16.07 -7.01
CA THR A 268 -15.62 -16.96 -6.46
C THR A 268 -15.02 -18.19 -5.76
N ALA A 269 -13.92 -18.72 -6.34
CA ALA A 269 -13.20 -19.85 -5.76
C ALA A 269 -12.73 -19.59 -4.32
N GLN A 270 -12.29 -18.35 -4.05
CA GLN A 270 -11.74 -17.98 -2.75
C GLN A 270 -12.80 -17.75 -1.67
N GLN A 271 -14.06 -17.64 -2.08
CA GLN A 271 -15.16 -17.31 -1.16
C GLN A 271 -15.25 -18.20 0.08
N GLY A 272 -14.83 -19.46 -0.03
CA GLY A 272 -14.87 -20.40 1.09
C GLY A 272 -13.86 -20.16 2.21
N ARG A 273 -12.80 -19.40 1.92
CA ARG A 273 -11.73 -19.12 2.90
C ARG A 273 -12.24 -18.76 4.30
N VAL A 274 -11.64 -19.37 5.32
CA VAL A 274 -12.00 -19.11 6.71
C VAL A 274 -11.60 -17.69 7.13
N GLU A 275 -10.62 -17.11 6.44
CA GLU A 275 -10.10 -15.78 6.81
C GLU A 275 -11.15 -14.66 6.67
N PHE A 276 -12.15 -14.88 5.82
CA PHE A 276 -13.26 -13.92 5.71
C PHE A 276 -14.09 -13.84 7.00
N GLU A 277 -14.05 -14.89 7.82
CA GLU A 277 -14.71 -14.88 9.13
C GLU A 277 -14.13 -13.76 9.99
N GLY A 278 -12.81 -13.69 10.05
CA GLY A 278 -12.11 -12.66 10.81
C GLY A 278 -12.44 -11.25 10.37
N ILE A 279 -12.56 -11.05 9.05
CA ILE A 279 -12.95 -9.76 8.48
C ILE A 279 -14.34 -9.38 8.97
N ALA A 280 -15.27 -10.33 8.90
CA ALA A 280 -16.63 -10.10 9.38
C ALA A 280 -16.65 -9.73 10.87
N GLN A 281 -15.83 -10.38 11.69
CA GLN A 281 -15.74 -10.04 13.12
C GLN A 281 -15.26 -8.61 13.33
N ALA A 282 -14.23 -8.23 12.58
CA ALA A 282 -13.67 -6.87 12.63
C ALA A 282 -14.69 -5.81 12.18
N ALA A 283 -15.54 -6.17 11.22
CA ALA A 283 -16.58 -5.26 10.74
C ALA A 283 -17.74 -5.15 11.72
N ASP A 284 -18.17 -6.29 12.26
CA ASP A 284 -19.34 -6.34 13.15
C ASP A 284 -19.03 -5.90 14.59
N ARG A 285 -17.89 -6.36 15.10
CA ARG A 285 -17.52 -6.09 16.49
C ARG A 285 -16.12 -5.49 16.59
N PRO A 286 -15.94 -4.26 16.08
CA PRO A 286 -14.63 -3.62 16.15
C PRO A 286 -14.28 -3.22 17.59
N GLU A 287 -13.07 -3.55 18.03
CA GLU A 287 -12.62 -3.14 19.37
C GLU A 287 -12.11 -1.70 19.30
N PRO A 288 -12.40 -0.88 20.33
CA PRO A 288 -11.87 0.48 20.31
C PRO A 288 -10.35 0.54 20.30
N VAL A 289 -9.80 1.40 19.45
CA VAL A 289 -8.36 1.57 19.34
C VAL A 289 -8.04 3.06 19.26
N ALA A 290 -6.77 3.41 19.39
CA ALA A 290 -6.32 4.79 19.25
C ALA A 290 -6.04 5.10 17.79
N ILE A 291 -6.12 6.39 17.46
CA ILE A 291 -5.73 6.86 16.13
C ILE A 291 -4.24 7.18 16.13
N LEU A 292 -3.77 7.84 17.19
CA LEU A 292 -2.35 8.16 17.33
C LEU A 292 -1.68 7.28 18.37
N THR A 293 -0.44 6.89 18.08
CA THR A 293 0.38 6.10 19.01
C THR A 293 1.81 6.59 19.04
N GLY A 294 2.54 6.19 20.07
CA GLY A 294 3.96 6.46 20.20
C GLY A 294 4.29 7.85 20.70
N HIS A 295 5.25 8.50 20.06
CA HIS A 295 5.79 9.78 20.52
C HIS A 295 4.84 10.93 20.23
N ARG A 296 4.50 11.71 21.25
CA ARG A 296 3.57 12.83 21.07
C ARG A 296 4.11 13.87 20.08
N ALA A 297 5.43 14.01 20.01
CA ALA A 297 6.06 14.95 19.07
C ALA A 297 6.25 14.40 17.65
N ALA A 298 5.99 13.11 17.45
CA ALA A 298 6.06 12.49 16.11
C ALA A 298 5.20 11.23 16.12
N PRO A 299 3.87 11.41 16.23
CA PRO A 299 2.99 10.26 16.42
C PRO A 299 2.86 9.40 15.19
N HIS A 300 2.57 8.12 15.40
CA HIS A 300 2.19 7.24 14.31
C HIS A 300 0.68 7.28 14.17
N LEU A 301 0.22 7.05 12.96
CA LEU A 301 -1.14 7.37 12.55
C LEU A 301 -1.86 6.10 12.09
N ARG A 302 -3.11 5.95 12.54
CA ARG A 302 -3.96 4.82 12.17
C ARG A 302 -5.39 5.31 11.99
N VAL A 303 -5.78 5.55 10.74
CA VAL A 303 -7.07 6.11 10.45
C VAL A 303 -7.46 5.82 9.00
N ASP A 304 -8.75 5.75 8.75
CA ASP A 304 -9.27 5.60 7.41
C ASP A 304 -10.48 6.50 7.30
N GLY A 305 -10.39 7.51 6.44
CA GLY A 305 -11.46 8.48 6.27
C GLY A 305 -12.85 7.91 6.02
N ASP A 306 -12.93 6.75 5.37
CA ASP A 306 -14.22 6.13 5.05
C ASP A 306 -14.60 4.96 5.96
N PHE A 307 -13.67 4.44 6.75
CA PHE A 307 -13.94 3.28 7.61
C PHE A 307 -13.64 3.51 9.09
N SER A 308 -13.41 4.77 9.47
CA SER A 308 -13.20 5.10 10.88
C SER A 308 -14.45 5.73 11.48
N ALA A 309 -14.60 5.56 12.79
CA ALA A 309 -15.73 6.12 13.52
C ALA A 309 -15.33 6.30 14.98
N PRO A 310 -16.03 7.18 15.71
CA PRO A 310 -15.80 7.25 17.14
C PRO A 310 -16.40 6.02 17.84
N ALA A 311 -15.94 5.71 19.04
CA ALA A 311 -16.60 4.71 19.86
C ALA A 311 -18.04 5.16 20.12
N GLU A 312 -18.95 4.21 20.22
CA GLU A 312 -20.38 4.50 20.31
C GLU A 312 -20.71 5.52 21.41
N GLY A 313 -21.33 6.63 21.02
CA GLY A 313 -21.76 7.66 21.97
C GLY A 313 -20.67 8.58 22.50
N ASP A 314 -19.43 8.40 22.06
CA ASP A 314 -18.30 9.19 22.55
C ASP A 314 -18.13 10.45 21.69
N GLU A 315 -18.74 11.54 22.14
CA GLU A 315 -18.78 12.78 21.35
C GLU A 315 -17.47 13.55 21.38
N GLU A 316 -16.69 13.38 22.44
CA GLU A 316 -15.38 13.99 22.53
C GLU A 316 -14.42 13.31 21.54
N ALA A 317 -14.49 11.99 21.44
CA ALA A 317 -13.71 11.25 20.45
C ALA A 317 -14.13 11.66 19.04
N ALA A 318 -15.44 11.78 18.84
CA ALA A 318 -15.99 12.20 17.56
C ALA A 318 -15.48 13.57 17.13
N ALA A 319 -15.45 14.51 18.08
CA ALA A 319 -14.97 15.86 17.81
C ALA A 319 -13.50 15.85 17.39
N ALA A 320 -12.71 15.02 18.07
CA ALA A 320 -11.29 14.87 17.74
C ALA A 320 -11.11 14.28 16.34
N LEU A 321 -11.89 13.26 16.02
CA LEU A 321 -11.88 12.65 14.66
C LEU A 321 -12.35 13.66 13.62
N GLY A 322 -13.41 14.40 13.93
CA GLY A 322 -13.90 15.45 13.04
C GLY A 322 -12.86 16.51 12.75
N THR A 323 -12.13 16.92 13.78
CA THR A 323 -11.07 17.91 13.62
C THR A 323 -9.93 17.33 12.79
N LEU A 324 -9.56 16.09 13.10
CA LEU A 324 -8.51 15.42 12.35
C LEU A 324 -8.85 15.34 10.86
N ARG A 325 -10.08 14.96 10.53
CA ARG A 325 -10.55 14.88 9.14
C ARG A 325 -10.31 16.20 8.41
N LYS A 326 -10.75 17.27 9.05
CA LYS A 326 -10.64 18.60 8.47
C LYS A 326 -9.18 18.98 8.22
N LEU A 327 -8.33 18.70 9.20
CA LEU A 327 -6.92 19.06 9.11
C LEU A 327 -6.18 18.23 8.04
N ILE A 328 -6.53 16.94 7.96
CA ILE A 328 -5.94 16.09 6.93
C ILE A 328 -6.43 16.49 5.53
N ASP A 329 -7.73 16.74 5.37
CA ASP A 329 -8.24 17.23 4.08
C ASP A 329 -7.50 18.48 3.64
N ALA A 330 -7.25 19.39 4.58
CA ALA A 330 -6.61 20.67 4.28
C ALA A 330 -5.13 20.56 3.95
N SER A 331 -4.46 19.54 4.46
CA SER A 331 -3.02 19.38 4.26
C SER A 331 -2.66 18.31 3.24
N LEU A 332 -3.67 17.65 2.67
CA LEU A 332 -3.45 16.59 1.69
C LEU A 332 -2.67 17.15 0.50
N TYR A 333 -1.61 16.47 0.07
CA TYR A 333 -0.83 16.92 -1.09
C TYR A 333 -0.69 15.80 -2.11
N GLU A 334 -0.15 16.13 -3.27
CA GLU A 334 -0.09 15.21 -4.40
C GLU A 334 1.31 14.71 -4.71
N LEU A 335 1.40 13.41 -5.03
CA LEU A 335 2.60 12.77 -5.53
C LEU A 335 2.21 12.04 -6.81
N VAL A 336 2.76 12.47 -7.94
CA VAL A 336 2.46 11.83 -9.21
C VAL A 336 3.51 10.76 -9.49
N LEU A 337 3.08 9.51 -9.50
CA LEU A 337 3.93 8.39 -9.88
C LEU A 337 3.86 8.20 -11.37
N ASP A 338 4.83 8.77 -12.08
CA ASP A 338 4.93 8.60 -13.52
C ASP A 338 5.39 7.18 -13.82
N GLN A 339 5.18 6.76 -15.06
CA GLN A 339 5.61 5.45 -15.50
C GLN A 339 7.03 5.15 -15.03
N GLY A 340 7.20 4.04 -14.31
CA GLY A 340 8.50 3.61 -13.81
C GLY A 340 8.87 4.11 -12.42
N ASP A 341 8.08 5.00 -11.86
CA ASP A 341 8.33 5.51 -10.51
C ASP A 341 7.82 4.50 -9.49
N VAL A 342 8.54 4.37 -8.39
CA VAL A 342 8.15 3.48 -7.30
C VAL A 342 8.13 4.28 -6.02
N ALA A 343 7.06 4.16 -5.25
CA ALA A 343 6.99 4.81 -3.95
C ALA A 343 6.77 3.77 -2.87
N PHE A 344 7.48 3.95 -1.76
CA PHE A 344 7.23 3.17 -0.56
C PHE A 344 6.72 4.13 0.50
N ILE A 345 5.42 4.09 0.73
CA ILE A 345 4.75 5.01 1.61
C ILE A 345 4.88 4.50 3.04
N ASP A 346 5.29 5.39 3.94
CA ASP A 346 5.39 5.06 5.36
C ASP A 346 3.99 5.04 5.94
N ASN A 347 3.48 3.83 6.15
CA ASN A 347 2.10 3.61 6.54
C ASN A 347 1.81 3.97 8.00
N ARG A 348 2.85 4.36 8.74
CA ARG A 348 2.68 4.85 10.10
C ARG A 348 2.73 6.37 10.21
N ARG A 349 3.47 7.02 9.31
CA ARG A 349 3.59 8.48 9.33
C ARG A 349 2.56 9.19 8.48
N ALA A 350 2.02 8.49 7.49
CA ALA A 350 1.20 9.12 6.48
C ALA A 350 0.00 8.27 6.14
N VAL A 351 -1.08 8.96 5.75
CA VAL A 351 -2.22 8.34 5.08
C VAL A 351 -2.05 8.66 3.60
N HIS A 352 -2.70 7.89 2.74
CA HIS A 352 -2.61 8.12 1.32
C HIS A 352 -3.90 7.75 0.63
N GLY A 353 -4.04 8.22 -0.61
CA GLY A 353 -5.20 7.93 -1.43
C GLY A 353 -4.87 8.19 -2.88
N ARG A 354 -5.88 8.45 -3.70
CA ARG A 354 -5.70 8.67 -5.13
C ARG A 354 -6.78 9.61 -5.66
N ARG A 355 -6.37 10.59 -6.45
CA ARG A 355 -7.31 11.55 -7.01
C ARG A 355 -8.29 10.87 -7.94
N ALA A 356 -9.51 11.42 -8.00
CA ALA A 356 -10.48 11.01 -8.99
C ALA A 356 -9.90 11.20 -10.38
N PHE A 357 -10.19 10.26 -11.27
CA PHE A 357 -9.80 10.37 -12.67
C PHE A 357 -10.83 9.68 -13.56
N GLN A 358 -10.87 10.11 -14.82
CA GLN A 358 -11.76 9.52 -15.79
C GLN A 358 -11.06 8.33 -16.45
N PRO A 359 -11.56 7.11 -16.24
CA PRO A 359 -10.89 5.96 -16.84
C PRO A 359 -11.04 5.95 -18.36
N ARG A 360 -10.09 5.31 -19.02
CA ARG A 360 -10.08 5.23 -20.48
C ARG A 360 -10.78 3.97 -20.99
N TYR A 361 -10.41 2.83 -20.42
CA TYR A 361 -10.83 1.48 -20.85
C TYR A 361 -10.49 1.18 -22.31
N ASP A 362 -9.37 1.76 -22.77
CA ASP A 362 -8.90 1.56 -24.14
C ASP A 362 -7.62 0.74 -24.21
N GLY A 363 -7.22 0.15 -23.08
CA GLY A 363 -5.98 -0.62 -23.00
C GLY A 363 -4.76 0.13 -22.47
N ARG A 364 -4.90 1.43 -22.24
CA ARG A 364 -3.78 2.22 -21.71
C ARG A 364 -4.11 2.93 -20.38
N ASP A 365 -5.02 2.34 -19.62
CA ASP A 365 -5.32 2.88 -18.30
C ASP A 365 -4.12 2.81 -17.37
N ARG A 366 -4.11 3.75 -16.43
CA ARG A 366 -3.18 3.75 -15.30
C ARG A 366 -3.16 2.39 -14.60
N TRP A 367 -1.96 1.95 -14.23
CA TRP A 367 -1.76 0.60 -13.72
C TRP A 367 -0.56 0.61 -12.79
N LEU A 368 -0.77 0.18 -11.55
CA LEU A 368 0.30 0.03 -10.58
C LEU A 368 0.39 -1.41 -10.11
N LYS A 369 1.60 -1.85 -9.80
CA LYS A 369 1.82 -3.04 -8.99
C LYS A 369 2.01 -2.57 -7.55
N ARG A 370 1.55 -3.38 -6.61
CA ARG A 370 1.52 -2.98 -5.21
C ARG A 370 1.99 -4.13 -4.34
N ILE A 371 2.58 -3.79 -3.20
CA ILE A 371 3.04 -4.81 -2.26
C ILE A 371 3.05 -4.26 -0.83
N ASN A 372 2.65 -5.10 0.12
CA ASN A 372 2.69 -4.78 1.54
C ASN A 372 4.01 -5.24 2.16
N ILE A 373 4.58 -4.41 3.03
CA ILE A 373 5.85 -4.70 3.67
C ILE A 373 5.76 -4.49 5.18
N THR A 374 6.22 -5.47 5.94
CA THR A 374 6.33 -5.31 7.39
C THR A 374 7.80 -5.36 7.78
N ARG A 375 8.16 -4.59 8.80
CA ARG A 375 9.50 -4.68 9.38
C ARG A 375 9.73 -5.98 10.13
N ASP A 376 8.66 -6.67 10.52
CA ASP A 376 8.79 -7.90 11.27
C ASP A 376 7.60 -8.82 11.07
N LEU A 377 7.80 -9.85 10.25
CA LEU A 377 6.77 -10.83 9.95
C LEU A 377 6.24 -11.55 11.20
N HIS A 378 7.09 -11.69 12.20
CA HIS A 378 6.71 -12.42 13.42
C HIS A 378 5.68 -11.69 14.27
N ARG A 379 5.57 -10.38 14.09
CA ARG A 379 4.52 -9.63 14.77
C ARG A 379 3.11 -10.09 14.37
N SER A 380 2.97 -10.70 13.20
CA SER A 380 1.65 -11.15 12.73
C SER A 380 1.44 -12.67 12.81
N ARG A 381 2.23 -13.37 13.64
CA ARG A 381 2.20 -14.83 13.61
C ARG A 381 0.83 -15.42 13.95
N LYS A 382 0.06 -14.71 14.77
CA LYS A 382 -1.33 -15.10 15.06
C LYS A 382 -2.19 -15.17 13.79
N ALA A 383 -1.85 -14.36 12.79
CA ALA A 383 -2.60 -14.31 11.53
C ALA A 383 -1.96 -15.09 10.39
N TRP A 384 -0.89 -15.84 10.67
CA TRP A 384 -0.28 -16.68 9.66
C TRP A 384 -1.29 -17.74 9.24
N ALA A 385 -1.95 -17.51 8.11
CA ALA A 385 -3.02 -18.39 7.64
C ALA A 385 -2.44 -19.61 6.92
N GLY A 386 -1.85 -20.53 7.66
CA GLY A 386 -1.16 -21.69 7.09
C GLY A 386 0.15 -21.33 6.40
N ASP A 387 0.27 -20.07 5.99
CA ASP A 387 1.46 -19.52 5.39
C ASP A 387 1.79 -18.20 6.10
N SER A 388 3.06 -17.95 6.35
CA SER A 388 3.49 -16.73 7.03
C SER A 388 3.35 -15.46 6.16
N ARG A 389 3.24 -15.64 4.83
CA ARG A 389 3.23 -14.51 3.90
C ARG A 389 1.83 -14.12 3.43
N VAL A 390 0.80 -14.89 3.81
CA VAL A 390 -0.59 -14.55 3.50
C VAL A 390 -1.39 -14.55 4.79
N LEU A 391 -1.83 -13.36 5.20
CA LEU A 391 -2.38 -13.16 6.54
C LEU A 391 -3.90 -13.22 6.61
N GLY A 392 -4.40 -13.73 7.74
CA GLY A 392 -5.81 -13.70 8.06
C GLY A 392 -6.15 -14.62 9.21
N GLN A 393 -7.36 -14.46 9.76
CA GLN A 393 -7.80 -15.22 10.93
C GLN A 393 -9.25 -15.65 10.82
N ARG A 394 -9.59 -16.67 11.59
CA ARG A 394 -10.99 -17.03 11.86
C ARG A 394 -11.66 -15.91 12.67
#